data_1JHX
#
_entry.id   1JHX
#
_cell.length_a   71.890
_cell.length_b   90.160
_cell.length_c   47.550
_cell.angle_alpha   90.00
_cell.angle_beta   90.00
_cell.angle_gamma   90.00
#
_symmetry.space_group_name_H-M   'P 21 21 2'
#
loop_
_entity.id
_entity.type
_entity.pdbx_description
1 polymer 'Nicotinate Mononucleotide:5,6-Dimethylbenzimidazole Phosphoribosyltransferase'
2 non-polymer 'PHOSPHATE ION'
3 non-polymer PHENOL
4 water water
#
_entity_poly.entity_id   1
_entity_poly.type   'polypeptide(L)'
_entity_poly.pdbx_seq_one_letter_code
;MQTLHALLRDIPAPDAEAMARTQQHIDGLLKPPGSLGRLETLAVQLAGMPGLNGTPQVGEKAVLVMCADHGVWDEGVAVS
PKIVTAIQAANMTRGTTGVCVLAAQAGAKVHVIDVGIDAEPIPGVVNMRVARGCGNIAVGPAMSRLQAEALLLEVSRYTC
DLAQRGVTLFGVGELGMANTTPAAAMVSVFTGSDAKEVVGIGANLPPSRIDNKVDVVRRAIAINQPNPRDGIDVLSKVGG
FDLVGMTGVMLGAARCGLPVLLDGFLSYSAALAACQIAPAVRPYLIPSHFSAEKGARIALAHLSMEPYLHMAMRLGEGSG
AALAMPIVEAACAMFHNMGELAASNIVLPEGNANAT
;
_entity_poly.pdbx_strand_id   A
#
# COMPACT_ATOMS: atom_id res chain seq x y z
N LEU A 4 -3.08 5.35 20.33
CA LEU A 4 -3.39 5.45 18.91
C LEU A 4 -3.71 6.87 18.45
N HIS A 5 -4.29 7.66 19.33
CA HIS A 5 -4.58 9.03 18.98
C HIS A 5 -3.26 9.79 19.00
N ALA A 6 -2.38 9.31 19.88
CA ALA A 6 -1.04 9.86 20.00
C ALA A 6 -0.35 9.74 18.67
N LEU A 7 -0.36 8.49 18.22
CA LEU A 7 0.23 8.13 16.96
C LEU A 7 -0.17 9.10 15.87
N LEU A 8 -1.48 9.23 15.69
CA LEU A 8 -2.02 10.08 14.67
C LEU A 8 -1.68 11.53 14.87
N ARG A 9 -1.57 11.89 16.13
CA ARG A 9 -1.26 13.25 16.48
C ARG A 9 0.12 13.63 16.04
N ASP A 10 1.04 12.71 16.30
CA ASP A 10 2.44 12.90 16.04
C ASP A 10 2.94 12.74 14.61
N ILE A 11 2.06 12.57 13.61
CA ILE A 11 2.54 12.45 12.23
C ILE A 11 3.14 13.80 11.82
N PRO A 12 4.41 13.78 11.37
CA PRO A 12 5.07 15.03 10.99
C PRO A 12 4.64 15.56 9.65
N ALA A 13 4.66 16.89 9.55
CA ALA A 13 4.37 17.56 8.30
C ALA A 13 5.66 17.54 7.48
N PRO A 14 5.53 17.64 6.16
CA PRO A 14 6.72 17.63 5.34
C PRO A 14 7.55 18.89 5.57
N ASP A 15 8.85 18.76 5.40
CA ASP A 15 9.80 19.84 5.59
C ASP A 15 9.91 20.74 4.35
N ALA A 16 9.17 21.84 4.35
CA ALA A 16 9.19 22.73 3.21
C ALA A 16 10.55 23.36 2.97
N GLU A 17 11.32 23.56 4.03
CA GLU A 17 12.60 24.20 3.84
C GLU A 17 13.53 23.29 3.06
N ALA A 18 13.52 22.00 3.44
CA ALA A 18 14.35 21.01 2.76
C ALA A 18 13.92 20.89 1.30
N MET A 19 12.60 20.94 1.06
CA MET A 19 12.05 20.82 -0.29
C MET A 19 12.48 21.98 -1.17
N ALA A 20 12.52 23.17 -0.59
CA ALA A 20 12.95 24.31 -1.36
C ALA A 20 14.44 24.17 -1.77
N ARG A 21 15.25 23.74 -0.84
CA ARG A 21 16.65 23.55 -1.13
C ARG A 21 16.81 22.47 -2.21
N THR A 22 15.97 21.44 -2.16
CA THR A 22 16.06 20.37 -3.14
C THR A 22 15.74 20.87 -4.53
N GLN A 23 14.68 21.64 -4.60
CA GLN A 23 14.26 22.15 -5.86
C GLN A 23 15.33 22.96 -6.55
N GLN A 24 15.89 23.89 -5.77
CA GLN A 24 16.93 24.76 -6.28
C GLN A 24 18.11 23.94 -6.79
N HIS A 25 18.49 22.89 -6.07
CA HIS A 25 19.62 22.06 -6.50
C HIS A 25 19.34 21.32 -7.81
N ILE A 26 18.13 20.80 -7.91
CA ILE A 26 17.70 20.09 -9.09
C ILE A 26 17.67 21.03 -10.29
N ASP A 27 17.20 22.24 -10.06
CA ASP A 27 17.14 23.17 -11.16
C ASP A 27 18.51 23.47 -11.74
N GLY A 28 19.55 23.37 -10.93
CA GLY A 28 20.91 23.67 -11.39
C GLY A 28 21.64 22.49 -12.02
N LEU A 29 21.00 21.34 -12.12
CA LEU A 29 21.71 20.22 -12.70
C LEU A 29 21.89 20.34 -14.21
N LEU A 30 22.81 19.53 -14.75
CA LEU A 30 23.18 19.46 -16.16
C LEU A 30 22.02 18.97 -17.09
N LYS A 31 20.99 19.80 -17.26
CA LYS A 31 19.83 19.47 -18.09
C LYS A 31 18.93 20.68 -18.17
N PRO A 32 18.02 20.65 -19.12
CA PRO A 32 17.07 21.74 -19.24
C PRO A 32 16.15 21.62 -18.04
N PRO A 33 15.88 22.75 -17.39
CA PRO A 33 15.04 22.75 -16.22
C PRO A 33 13.71 22.07 -16.49
N GLY A 34 13.36 21.21 -15.52
CA GLY A 34 12.13 20.42 -15.51
C GLY A 34 12.11 19.25 -16.48
N SER A 35 13.20 19.09 -17.26
CA SER A 35 13.28 18.05 -18.27
C SER A 35 13.21 16.63 -17.76
N LEU A 36 13.49 16.40 -16.48
CA LEU A 36 13.44 15.04 -15.95
C LEU A 36 12.10 14.71 -15.28
N GLY A 37 11.15 15.61 -15.49
CA GLY A 37 9.77 15.56 -15.03
C GLY A 37 9.48 14.99 -13.65
N ARG A 38 8.74 13.87 -13.64
CA ARG A 38 8.34 13.20 -12.42
C ARG A 38 9.48 12.70 -11.54
N LEU A 39 10.61 12.50 -12.17
CA LEU A 39 11.80 12.10 -11.46
C LEU A 39 12.22 13.25 -10.56
N GLU A 40 11.98 14.49 -11.01
CA GLU A 40 12.33 15.67 -10.21
C GLU A 40 11.37 15.88 -9.07
N THR A 41 10.08 15.72 -9.35
CA THR A 41 9.07 15.90 -8.35
C THR A 41 9.15 14.82 -7.28
N LEU A 42 9.51 13.63 -7.70
CA LEU A 42 9.66 12.57 -6.73
C LEU A 42 10.79 12.91 -5.76
N ALA A 43 11.92 13.36 -6.31
CA ALA A 43 13.06 13.73 -5.49
C ALA A 43 12.71 14.84 -4.49
N VAL A 44 11.91 15.80 -4.94
CA VAL A 44 11.56 16.88 -4.04
C VAL A 44 10.65 16.35 -2.96
N GLN A 45 9.83 15.40 -3.36
CA GLN A 45 8.92 14.82 -2.40
C GLN A 45 9.66 14.09 -1.29
N LEU A 46 10.65 13.32 -1.67
CA LEU A 46 11.42 12.58 -0.68
C LEU A 46 12.18 13.52 0.26
N ALA A 47 12.68 14.60 -0.30
CA ALA A 47 13.45 15.58 0.48
C ALA A 47 12.65 16.15 1.65
N GLY A 48 11.35 16.22 1.45
CA GLY A 48 10.52 16.80 2.49
C GLY A 48 10.19 15.83 3.60
N MET A 49 10.51 14.54 3.45
CA MET A 49 10.22 13.51 4.46
C MET A 49 11.23 13.50 5.59
N PRO A 50 10.78 13.90 6.79
CA PRO A 50 11.65 14.04 7.93
C PRO A 50 12.60 12.91 8.28
N GLY A 51 12.14 11.68 8.10
CA GLY A 51 13.00 10.54 8.39
C GLY A 51 14.16 10.35 7.40
N LEU A 52 14.19 11.16 6.34
CA LEU A 52 15.20 11.10 5.28
C LEU A 52 16.31 12.09 5.49
N ASN A 53 16.26 12.85 6.55
CA ASN A 53 17.39 13.72 6.76
C ASN A 53 17.69 14.82 5.74
N GLY A 54 16.65 15.45 5.23
CA GLY A 54 16.72 16.60 4.35
C GLY A 54 17.22 16.39 2.94
N THR A 55 17.31 15.16 2.51
CA THR A 55 17.79 14.95 1.16
C THR A 55 17.17 13.68 0.64
N PRO A 56 17.09 13.51 -0.69
CA PRO A 56 16.52 12.28 -1.22
C PRO A 56 17.55 11.18 -1.06
N GLN A 57 17.20 10.14 -0.31
CA GLN A 57 18.09 9.02 -0.06
C GLN A 57 17.31 7.77 0.23
N VAL A 58 17.96 6.64 -0.04
CA VAL A 58 17.39 5.33 0.17
C VAL A 58 18.44 4.48 0.86
N GLY A 59 18.11 3.99 2.05
CA GLY A 59 19.03 3.14 2.80
C GLY A 59 18.59 1.71 2.53
N GLU A 60 18.07 1.05 3.56
CA GLU A 60 17.56 -0.31 3.36
C GLU A 60 16.12 -0.19 2.92
N LYS A 61 15.67 -1.23 2.24
CA LYS A 61 14.30 -1.35 1.72
C LYS A 61 13.61 -2.60 2.24
N ALA A 62 12.33 -2.47 2.50
CA ALA A 62 11.57 -3.63 2.96
C ALA A 62 10.19 -3.65 2.36
N VAL A 63 9.69 -4.86 2.14
CA VAL A 63 8.37 -5.03 1.64
C VAL A 63 7.62 -5.83 2.69
N LEU A 64 6.57 -5.23 3.25
CA LEU A 64 5.72 -5.89 4.26
C LEU A 64 4.50 -6.49 3.59
N VAL A 65 4.36 -7.82 3.71
CA VAL A 65 3.25 -8.55 3.13
C VAL A 65 2.33 -9.05 4.23
N MET A 66 1.10 -8.51 4.23
CA MET A 66 0.05 -8.81 5.21
C MET A 66 -0.83 -9.94 4.71
N CYS A 67 -0.86 -11.04 5.44
CA CYS A 67 -1.59 -12.20 5.00
C CYS A 67 -2.77 -12.52 5.88
N ALA A 68 -3.89 -12.85 5.26
CA ALA A 68 -5.08 -13.17 6.03
C ALA A 68 -6.16 -13.76 5.17
N ASP A 69 -7.03 -14.55 5.82
CA ASP A 69 -8.16 -15.18 5.15
C ASP A 69 -9.46 -14.41 5.41
N HIS A 70 -10.45 -14.63 4.55
CA HIS A 70 -11.69 -13.89 4.65
C HIS A 70 -12.92 -14.80 4.62
N GLY A 71 -13.88 -14.53 5.51
CA GLY A 71 -15.11 -15.31 5.57
C GLY A 71 -15.92 -15.23 4.29
N VAL A 72 -15.85 -14.08 3.62
CA VAL A 72 -16.57 -13.86 2.37
C VAL A 72 -16.18 -14.85 1.27
N TRP A 73 -15.08 -15.56 1.50
CA TRP A 73 -14.68 -16.57 0.52
C TRP A 73 -15.81 -17.59 0.27
N ASP A 74 -16.54 -17.90 1.33
CA ASP A 74 -17.64 -18.85 1.24
C ASP A 74 -18.79 -18.41 0.34
N GLU A 75 -18.78 -17.13 -0.07
CA GLU A 75 -19.85 -16.59 -0.94
C GLU A 75 -19.59 -16.89 -2.42
N GLY A 76 -18.56 -17.66 -2.70
CA GLY A 76 -18.23 -18.02 -4.07
C GLY A 76 -17.69 -16.86 -4.90
N VAL A 77 -17.04 -15.89 -4.25
CA VAL A 77 -16.48 -14.73 -4.95
C VAL A 77 -15.04 -14.90 -5.46
N ALA A 78 -14.42 -16.07 -5.25
CA ALA A 78 -13.04 -16.36 -5.67
C ALA A 78 -12.81 -17.80 -6.13
N VAL A 79 -12.09 -18.00 -7.24
CA VAL A 79 -11.80 -19.35 -7.72
C VAL A 79 -10.55 -19.98 -7.09
N SER A 80 -9.74 -19.15 -6.47
CA SER A 80 -8.55 -19.67 -5.82
C SER A 80 -8.94 -20.41 -4.56
N PRO A 81 -8.47 -21.64 -4.41
CA PRO A 81 -8.76 -22.38 -3.20
C PRO A 81 -8.29 -21.60 -1.99
N LYS A 82 -9.05 -21.67 -0.92
CA LYS A 82 -8.76 -20.93 0.28
C LYS A 82 -7.39 -21.18 0.86
N ILE A 83 -6.94 -22.43 0.77
CA ILE A 83 -5.67 -22.84 1.29
C ILE A 83 -4.47 -22.18 0.61
N VAL A 84 -4.69 -21.57 -0.55
CA VAL A 84 -3.58 -20.92 -1.21
C VAL A 84 -2.93 -19.86 -0.34
N THR A 85 -3.72 -19.19 0.50
CA THR A 85 -3.16 -18.16 1.37
C THR A 85 -2.05 -18.71 2.24
N ALA A 86 -2.35 -19.80 2.91
CA ALA A 86 -1.39 -20.46 3.78
C ALA A 86 -0.19 -21.01 2.99
N ILE A 87 -0.47 -21.61 1.82
CA ILE A 87 0.58 -22.16 0.96
C ILE A 87 1.57 -21.09 0.50
N GLN A 88 1.03 -20.01 -0.03
CA GLN A 88 1.80 -18.90 -0.55
C GLN A 88 2.59 -18.20 0.55
N ALA A 89 2.02 -18.14 1.75
CA ALA A 89 2.70 -17.49 2.86
C ALA A 89 3.98 -18.24 3.19
N ALA A 90 3.88 -19.58 3.14
CA ALA A 90 5.04 -20.44 3.37
C ALA A 90 6.06 -20.23 2.27
N ASN A 91 5.56 -20.23 1.03
CA ASN A 91 6.40 -19.99 -0.13
C ASN A 91 7.14 -18.69 -0.01
N MET A 92 6.50 -17.72 0.62
CA MET A 92 7.13 -16.43 0.82
C MET A 92 8.40 -16.60 1.63
N THR A 93 8.39 -17.57 2.55
CA THR A 93 9.56 -17.82 3.39
C THR A 93 10.72 -18.44 2.61
N ARG A 94 10.41 -19.06 1.47
CA ARG A 94 11.43 -19.71 0.65
C ARG A 94 11.90 -18.90 -0.54
N GLY A 95 11.35 -17.70 -0.70
CA GLY A 95 11.71 -16.77 -1.77
C GLY A 95 11.36 -17.18 -3.18
N THR A 96 10.30 -17.97 -3.37
CA THR A 96 9.92 -18.43 -4.70
C THR A 96 8.76 -17.68 -5.30
N THR A 97 8.17 -16.79 -4.50
CA THR A 97 7.03 -16.02 -5.00
C THR A 97 7.44 -14.82 -5.85
N GLY A 98 6.43 -14.24 -6.50
CA GLY A 98 6.60 -13.08 -7.35
C GLY A 98 7.21 -11.90 -6.62
N VAL A 99 6.65 -11.53 -5.45
CA VAL A 99 7.24 -10.40 -4.75
C VAL A 99 8.65 -10.71 -4.27
N CYS A 100 8.88 -11.97 -3.90
CA CYS A 100 10.21 -12.38 -3.46
C CYS A 100 11.26 -12.20 -4.54
N VAL A 101 10.94 -12.65 -5.74
CA VAL A 101 11.84 -12.55 -6.87
C VAL A 101 12.13 -11.08 -7.24
N LEU A 102 11.10 -10.27 -7.30
CA LEU A 102 11.22 -8.87 -7.62
C LEU A 102 11.92 -8.08 -6.52
N ALA A 103 11.65 -8.40 -5.25
CA ALA A 103 12.32 -7.69 -4.17
C ALA A 103 13.82 -7.96 -4.23
N ALA A 104 14.18 -9.24 -4.45
CA ALA A 104 15.59 -9.61 -4.55
C ALA A 104 16.27 -8.79 -5.65
N GLN A 105 15.58 -8.67 -6.77
CA GLN A 105 16.10 -7.90 -7.87
C GLN A 105 16.36 -6.45 -7.45
N ALA A 106 15.49 -5.90 -6.57
CA ALA A 106 15.62 -4.52 -6.08
C ALA A 106 16.46 -4.40 -4.83
N GLY A 107 16.89 -5.54 -4.31
CA GLY A 107 17.70 -5.59 -3.11
C GLY A 107 16.92 -5.25 -1.83
N ALA A 108 15.63 -5.52 -1.86
CA ALA A 108 14.76 -5.27 -0.71
C ALA A 108 14.50 -6.57 0.03
N LYS A 109 14.16 -6.47 1.32
CA LYS A 109 13.84 -7.66 2.09
C LYS A 109 12.34 -7.76 2.27
N VAL A 110 11.84 -8.97 2.16
CA VAL A 110 10.42 -9.23 2.34
C VAL A 110 10.07 -9.66 3.74
N HIS A 111 9.11 -8.98 4.35
CA HIS A 111 8.64 -9.34 5.68
C HIS A 111 7.24 -9.91 5.56
N VAL A 112 7.07 -11.19 5.89
CA VAL A 112 5.76 -11.82 5.82
C VAL A 112 5.07 -11.77 7.17
N ILE A 113 3.92 -11.14 7.19
CA ILE A 113 3.17 -11.01 8.42
C ILE A 113 1.80 -11.66 8.39
N ASP A 114 1.60 -12.61 9.30
CA ASP A 114 0.34 -13.29 9.40
C ASP A 114 -0.54 -12.49 10.32
N VAL A 115 -1.58 -11.89 9.76
CA VAL A 115 -2.54 -11.11 10.53
C VAL A 115 -3.88 -11.84 10.72
N GLY A 116 -4.01 -13.02 10.12
CA GLY A 116 -5.27 -13.74 10.26
C GLY A 116 -5.48 -14.85 9.26
N ILE A 117 -4.43 -15.63 9.00
CA ILE A 117 -4.54 -16.76 8.09
C ILE A 117 -5.36 -17.87 8.78
N ASP A 118 -6.26 -18.51 8.05
CA ASP A 118 -7.08 -19.56 8.62
C ASP A 118 -6.39 -20.93 8.42
N ALA A 119 -5.37 -21.17 9.25
CA ALA A 119 -4.56 -22.35 9.20
C ALA A 119 -3.65 -22.40 10.40
N GLU A 120 -2.88 -23.45 10.54
CA GLU A 120 -1.96 -23.50 11.66
C GLU A 120 -0.88 -22.45 11.45
N PRO A 121 -0.22 -22.01 12.50
CA PRO A 121 0.84 -21.04 12.35
C PRO A 121 1.93 -21.56 11.45
N ILE A 122 2.53 -20.66 10.68
CA ILE A 122 3.58 -21.04 9.74
C ILE A 122 4.90 -20.54 10.25
N PRO A 123 5.80 -21.47 10.43
CA PRO A 123 7.09 -21.11 10.95
C PRO A 123 7.81 -20.19 9.99
N GLY A 124 8.50 -19.19 10.54
CA GLY A 124 9.21 -18.22 9.71
C GLY A 124 8.39 -16.98 9.41
N VAL A 125 7.08 -17.10 9.62
CA VAL A 125 6.16 -15.97 9.39
C VAL A 125 5.98 -15.16 10.68
N VAL A 126 6.01 -13.82 10.56
CA VAL A 126 5.81 -12.96 11.72
C VAL A 126 4.36 -13.17 12.17
N ASN A 127 4.20 -13.50 13.44
CA ASN A 127 2.87 -13.78 13.93
C ASN A 127 2.16 -12.60 14.61
N MET A 128 1.10 -12.11 13.98
CA MET A 128 0.28 -11.05 14.53
C MET A 128 -1.18 -11.37 14.27
N ARG A 129 -1.44 -12.66 14.20
CA ARG A 129 -2.77 -13.11 13.87
C ARG A 129 -3.87 -12.65 14.79
N VAL A 130 -4.91 -12.11 14.20
CA VAL A 130 -6.02 -11.64 15.00
C VAL A 130 -6.94 -12.77 15.29
N ALA A 131 -7.21 -13.52 14.23
CA ALA A 131 -8.09 -14.66 14.26
C ALA A 131 -7.90 -15.52 13.04
N ARG A 132 -8.49 -16.71 13.05
CA ARG A 132 -8.39 -17.61 11.91
C ARG A 132 -9.36 -17.16 10.81
N GLY A 133 -8.95 -16.12 10.07
CA GLY A 133 -9.78 -15.51 9.03
C GLY A 133 -10.74 -14.49 9.67
N CYS A 134 -11.18 -13.48 8.90
CA CYS A 134 -12.10 -12.47 9.40
C CYS A 134 -13.56 -12.88 9.16
N GLY A 135 -14.50 -12.15 9.75
CA GLY A 135 -15.90 -12.48 9.55
C GLY A 135 -16.33 -12.22 8.11
N ASN A 136 -17.32 -12.98 7.65
CA ASN A 136 -17.89 -12.87 6.32
C ASN A 136 -18.69 -11.59 6.24
N ILE A 137 -18.12 -10.62 5.52
CA ILE A 137 -18.73 -9.31 5.43
C ILE A 137 -20.11 -9.32 4.81
N ALA A 138 -20.46 -10.38 4.09
CA ALA A 138 -21.77 -10.43 3.49
C ALA A 138 -22.91 -10.46 4.52
N VAL A 139 -22.64 -11.00 5.73
CA VAL A 139 -23.71 -11.09 6.69
C VAL A 139 -23.42 -10.35 7.98
N GLY A 140 -22.29 -9.68 8.01
CA GLY A 140 -21.93 -8.94 9.21
C GLY A 140 -20.56 -8.34 9.06
N PRO A 141 -20.04 -7.76 10.15
CA PRO A 141 -18.74 -7.11 10.14
C PRO A 141 -17.60 -8.10 10.03
N ALA A 142 -16.52 -7.61 9.47
CA ALA A 142 -15.28 -8.38 9.34
C ALA A 142 -14.67 -8.60 10.73
N MET A 143 -14.80 -7.61 11.62
CA MET A 143 -14.23 -7.72 12.94
C MET A 143 -14.78 -6.62 13.80
N SER A 144 -14.31 -6.54 15.03
CA SER A 144 -14.74 -5.48 15.93
C SER A 144 -13.82 -4.28 15.81
N ARG A 145 -14.33 -3.12 16.19
CA ARG A 145 -13.56 -1.89 16.14
C ARG A 145 -12.27 -1.99 16.94
N LEU A 146 -12.35 -2.64 18.09
CA LEU A 146 -11.20 -2.79 18.95
C LEU A 146 -10.16 -3.62 18.28
N GLN A 147 -10.62 -4.67 17.60
CA GLN A 147 -9.66 -5.52 16.90
C GLN A 147 -8.91 -4.73 15.82
N ALA A 148 -9.64 -3.87 15.12
CA ALA A 148 -9.03 -3.07 14.08
C ALA A 148 -7.96 -2.12 14.63
N GLU A 149 -8.33 -1.41 15.69
CA GLU A 149 -7.46 -0.45 16.37
C GLU A 149 -6.19 -1.09 16.92
N ALA A 150 -6.34 -2.24 17.56
CA ALA A 150 -5.19 -2.92 18.10
C ALA A 150 -4.22 -3.33 17.00
N LEU A 151 -4.76 -3.87 15.91
CA LEU A 151 -3.93 -4.28 14.78
C LEU A 151 -3.22 -3.07 14.15
N LEU A 152 -3.95 -1.97 13.99
CA LEU A 152 -3.35 -0.75 13.45
C LEU A 152 -2.12 -0.37 14.28
N LEU A 153 -2.33 -0.38 15.61
CA LEU A 153 -1.29 -0.04 16.58
C LEU A 153 -0.10 -0.95 16.49
N GLU A 154 -0.36 -2.23 16.52
CA GLU A 154 0.68 -3.21 16.44
C GLU A 154 1.53 -3.10 15.17
N VAL A 155 0.88 -3.06 14.01
CA VAL A 155 1.60 -2.97 12.75
C VAL A 155 2.39 -1.66 12.60
N SER A 156 1.76 -0.57 13.03
CA SER A 156 2.33 0.78 12.98
C SER A 156 3.67 0.78 13.66
N ARG A 157 3.66 0.18 14.85
CA ARG A 157 4.82 0.08 15.72
C ARG A 157 5.92 -0.76 15.08
N TYR A 158 5.51 -1.92 14.56
CA TYR A 158 6.43 -2.81 13.92
C TYR A 158 7.17 -2.09 12.80
N THR A 159 6.39 -1.33 12.07
CA THR A 159 6.87 -0.57 10.93
C THR A 159 7.94 0.43 11.29
N CYS A 160 7.64 1.24 12.30
CA CYS A 160 8.53 2.27 12.81
C CYS A 160 9.81 1.68 13.36
N ASP A 161 9.62 0.57 14.06
CA ASP A 161 10.72 -0.16 14.64
C ASP A 161 11.71 -0.54 13.56
N LEU A 162 11.24 -0.86 12.34
CA LEU A 162 12.18 -1.21 11.26
C LEU A 162 13.05 -0.02 10.89
N ALA A 163 12.47 1.17 11.00
CA ALA A 163 13.21 2.37 10.71
C ALA A 163 14.43 2.49 11.61
N GLN A 164 14.23 2.08 12.85
CA GLN A 164 15.31 2.13 13.81
C GLN A 164 16.48 1.26 13.36
N ARG A 165 16.22 0.36 12.45
CA ARG A 165 17.22 -0.57 11.94
C ARG A 165 17.78 -0.22 10.56
N GLY A 166 17.62 1.02 10.12
CA GLY A 166 18.15 1.40 8.81
C GLY A 166 17.19 1.35 7.61
N VAL A 167 15.96 0.84 7.78
CA VAL A 167 15.05 0.83 6.65
C VAL A 167 14.58 2.26 6.37
N THR A 168 14.65 2.69 5.10
CA THR A 168 14.20 4.04 4.79
C THR A 168 13.07 4.06 3.76
N LEU A 169 12.79 2.91 3.15
CA LEU A 169 11.78 2.80 2.11
C LEU A 169 10.95 1.56 2.30
N PHE A 170 9.65 1.76 2.42
CA PHE A 170 8.76 0.65 2.61
C PHE A 170 7.94 0.41 1.37
N GLY A 171 7.51 -0.82 1.28
CA GLY A 171 6.65 -1.33 0.25
C GLY A 171 5.59 -2.12 1.01
N VAL A 172 4.37 -2.06 0.54
CA VAL A 172 3.25 -2.72 1.18
C VAL A 172 2.57 -3.72 0.23
N GLY A 173 2.18 -4.87 0.75
CA GLY A 173 1.56 -5.86 -0.11
C GLY A 173 0.65 -6.77 0.70
N GLU A 174 -0.10 -7.63 0.02
CA GLU A 174 -1.02 -8.52 0.71
C GLU A 174 -1.09 -9.90 0.09
N LEU A 175 -1.75 -10.78 0.80
CA LEU A 175 -1.97 -12.15 0.40
C LEU A 175 -3.23 -12.62 1.13
N GLY A 176 -4.29 -12.90 0.38
CA GLY A 176 -5.53 -13.34 1.01
C GLY A 176 -6.56 -13.65 -0.06
N MET A 177 -6.88 -14.93 -0.20
CA MET A 177 -7.84 -15.32 -1.20
C MET A 177 -9.16 -14.60 -0.93
N ALA A 178 -9.78 -14.08 -2.00
CA ALA A 178 -11.06 -13.38 -1.94
C ALA A 178 -10.98 -11.93 -1.48
N ASN A 179 -9.77 -11.41 -1.28
CA ASN A 179 -9.63 -10.05 -0.79
C ASN A 179 -10.05 -8.90 -1.71
N THR A 180 -10.22 -9.17 -3.01
CA THR A 180 -10.63 -8.11 -3.91
C THR A 180 -12.08 -7.70 -3.66
N THR A 181 -12.80 -8.55 -2.92
CA THR A 181 -14.18 -8.26 -2.59
C THR A 181 -14.29 -7.15 -1.52
N PRO A 182 -13.71 -7.36 -0.35
CA PRO A 182 -13.72 -6.31 0.65
C PRO A 182 -13.04 -5.03 0.10
N ALA A 183 -11.99 -5.18 -0.73
CA ALA A 183 -11.33 -4.01 -1.32
C ALA A 183 -12.34 -3.21 -2.14
N ALA A 184 -13.13 -3.92 -2.94
CA ALA A 184 -14.13 -3.22 -3.74
C ALA A 184 -15.16 -2.51 -2.87
N ALA A 185 -15.61 -3.17 -1.79
CA ALA A 185 -16.61 -2.59 -0.91
C ALA A 185 -16.11 -1.30 -0.33
N MET A 186 -14.87 -1.32 0.12
CA MET A 186 -14.26 -0.14 0.70
C MET A 186 -14.20 1.00 -0.29
N VAL A 187 -13.72 0.70 -1.48
CA VAL A 187 -13.62 1.67 -2.55
C VAL A 187 -14.97 2.30 -2.84
N SER A 188 -15.95 1.43 -2.95
CA SER A 188 -17.29 1.89 -3.23
C SER A 188 -17.79 2.91 -2.18
N VAL A 189 -17.59 2.53 -0.92
CA VAL A 189 -17.96 3.34 0.23
C VAL A 189 -17.19 4.65 0.29
N PHE A 190 -15.90 4.59 0.12
CA PHE A 190 -15.13 5.80 0.19
C PHE A 190 -15.33 6.78 -0.95
N THR A 191 -15.52 6.26 -2.16
CA THR A 191 -15.65 7.13 -3.31
C THR A 191 -17.10 7.37 -3.72
N GLY A 192 -18.02 6.66 -3.06
CA GLY A 192 -19.41 6.80 -3.41
C GLY A 192 -19.69 6.29 -4.82
N SER A 193 -18.90 5.30 -5.25
CA SER A 193 -19.09 4.70 -6.57
C SER A 193 -20.00 3.48 -6.47
N ASP A 194 -20.80 3.24 -7.49
CA ASP A 194 -21.64 2.07 -7.45
C ASP A 194 -20.77 0.81 -7.52
N ALA A 195 -21.19 -0.26 -6.86
CA ALA A 195 -20.43 -1.50 -6.88
C ALA A 195 -20.13 -2.03 -8.29
N LYS A 196 -21.04 -1.84 -9.23
CA LYS A 196 -20.79 -2.36 -10.57
C LYS A 196 -19.53 -1.75 -11.16
N GLU A 197 -19.26 -0.50 -10.82
CA GLU A 197 -18.09 0.21 -11.33
C GLU A 197 -16.72 -0.19 -10.77
N VAL A 198 -16.66 -0.73 -9.56
CA VAL A 198 -15.38 -1.02 -8.96
C VAL A 198 -15.09 -2.48 -8.71
N VAL A 199 -16.03 -3.35 -9.07
CA VAL A 199 -15.85 -4.79 -8.87
C VAL A 199 -15.18 -5.45 -10.08
N GLY A 200 -13.96 -6.00 -9.88
CA GLY A 200 -13.22 -6.64 -10.97
C GLY A 200 -13.21 -8.16 -10.94
N ILE A 201 -12.45 -8.77 -11.86
CA ILE A 201 -12.36 -10.23 -11.94
C ILE A 201 -11.38 -10.81 -10.92
N GLY A 202 -10.63 -9.94 -10.23
CA GLY A 202 -9.66 -10.42 -9.27
C GLY A 202 -8.73 -11.49 -9.90
N ALA A 203 -8.57 -12.62 -9.21
CA ALA A 203 -7.69 -13.64 -9.73
C ALA A 203 -8.44 -14.57 -10.69
N ASN A 204 -8.67 -14.07 -11.88
CA ASN A 204 -9.34 -14.83 -12.91
C ASN A 204 -10.73 -15.32 -12.58
N LEU A 205 -11.53 -14.49 -11.95
CA LEU A 205 -12.88 -14.90 -11.68
C LEU A 205 -13.61 -14.99 -13.03
N PRO A 206 -14.32 -16.08 -13.32
CA PRO A 206 -15.04 -16.15 -14.59
C PRO A 206 -16.09 -15.04 -14.71
N PRO A 207 -16.19 -14.49 -15.93
CA PRO A 207 -17.10 -13.38 -16.17
C PRO A 207 -18.55 -13.62 -15.75
N SER A 208 -18.97 -14.86 -15.83
CA SER A 208 -20.31 -15.22 -15.42
C SER A 208 -20.54 -14.88 -13.94
N ARG A 209 -19.56 -15.31 -13.13
CA ARG A 209 -19.55 -15.14 -11.69
C ARG A 209 -19.52 -13.69 -11.21
N ILE A 210 -19.26 -12.75 -12.10
CA ILE A 210 -19.20 -11.37 -11.67
C ILE A 210 -20.47 -10.91 -10.95
N ASP A 211 -21.60 -11.12 -11.58
CA ASP A 211 -22.85 -10.68 -11.00
C ASP A 211 -22.94 -10.97 -9.51
N ASN A 212 -22.62 -12.19 -9.14
CA ASN A 212 -22.67 -12.56 -7.74
C ASN A 212 -21.74 -11.72 -6.88
N LYS A 213 -20.53 -11.49 -7.40
CA LYS A 213 -19.55 -10.69 -6.68
C LYS A 213 -20.14 -9.31 -6.35
N VAL A 214 -20.82 -8.70 -7.34
CA VAL A 214 -21.44 -7.39 -7.17
C VAL A 214 -22.53 -7.41 -6.11
N ASP A 215 -23.34 -8.46 -6.17
CA ASP A 215 -24.43 -8.64 -5.21
C ASP A 215 -23.86 -8.71 -3.80
N VAL A 216 -22.79 -9.48 -3.68
CA VAL A 216 -22.11 -9.67 -2.41
C VAL A 216 -21.62 -8.36 -1.82
N VAL A 217 -21.01 -7.53 -2.69
CA VAL A 217 -20.50 -6.22 -2.25
C VAL A 217 -21.62 -5.33 -1.73
N ARG A 218 -22.73 -5.32 -2.47
CA ARG A 218 -23.88 -4.52 -2.10
C ARG A 218 -24.46 -4.91 -0.75
N ARG A 219 -24.64 -6.23 -0.57
CA ARG A 219 -25.18 -6.75 0.66
C ARG A 219 -24.29 -6.38 1.84
N ALA A 220 -22.99 -6.48 1.60
CA ALA A 220 -22.03 -6.17 2.65
C ALA A 220 -22.25 -4.75 3.15
N ILE A 221 -22.42 -3.86 2.19
CA ILE A 221 -22.66 -2.48 2.50
C ILE A 221 -24.01 -2.22 3.16
N ALA A 222 -25.07 -2.80 2.57
CA ALA A 222 -26.42 -2.63 3.09
C ALA A 222 -26.51 -3.07 4.53
N ILE A 223 -26.04 -4.29 4.75
CA ILE A 223 -26.07 -4.90 6.06
C ILE A 223 -25.26 -4.17 7.11
N ASN A 224 -24.05 -3.76 6.76
CA ASN A 224 -23.16 -3.13 7.71
C ASN A 224 -23.32 -1.63 7.87
N GLN A 225 -23.75 -0.96 6.83
CA GLN A 225 -23.89 0.48 6.98
C GLN A 225 -22.63 1.15 7.48
N PRO A 226 -21.54 0.97 6.76
CA PRO A 226 -20.30 1.56 7.20
C PRO A 226 -20.34 3.07 7.04
N ASN A 227 -19.70 3.81 7.95
CA ASN A 227 -19.65 5.25 7.84
C ASN A 227 -18.39 5.71 7.10
N PRO A 228 -18.63 6.22 5.91
CA PRO A 228 -17.61 6.68 5.01
C PRO A 228 -16.68 7.71 5.62
N ARG A 229 -17.19 8.47 6.55
CA ARG A 229 -16.36 9.48 7.15
C ARG A 229 -15.51 8.91 8.28
N ASP A 230 -15.72 7.63 8.58
CA ASP A 230 -14.98 6.96 9.63
C ASP A 230 -14.22 5.74 9.08
N GLY A 231 -12.96 5.96 8.68
CA GLY A 231 -12.08 4.95 8.09
C GLY A 231 -11.92 3.68 8.92
N ILE A 232 -11.88 3.84 10.24
CA ILE A 232 -11.75 2.67 11.06
C ILE A 232 -13.07 1.92 11.03
N ASP A 233 -14.15 2.70 10.92
CA ASP A 233 -15.47 2.14 10.84
C ASP A 233 -15.58 1.25 9.61
N VAL A 234 -15.16 1.81 8.49
CA VAL A 234 -15.22 1.11 7.25
C VAL A 234 -14.38 -0.15 7.26
N LEU A 235 -13.10 0.00 7.66
CA LEU A 235 -12.15 -1.13 7.72
C LEU A 235 -12.68 -2.30 8.52
N SER A 236 -13.24 -1.99 9.69
CA SER A 236 -13.71 -3.03 10.60
C SER A 236 -14.93 -3.79 10.08
N LYS A 237 -15.79 -3.03 9.42
CA LYS A 237 -17.03 -3.56 8.94
C LYS A 237 -16.92 -4.31 7.64
N VAL A 238 -16.35 -3.64 6.65
CA VAL A 238 -16.28 -4.22 5.35
C VAL A 238 -14.87 -4.48 4.80
N GLY A 239 -13.88 -4.39 5.68
CA GLY A 239 -12.51 -4.65 5.28
C GLY A 239 -12.06 -6.07 5.66
N GLY A 240 -10.80 -6.20 6.05
CA GLY A 240 -10.21 -7.48 6.45
C GLY A 240 -8.93 -7.22 7.24
N PHE A 241 -8.39 -8.27 7.89
CA PHE A 241 -7.15 -8.12 8.67
C PHE A 241 -6.01 -7.65 7.80
N ASP A 242 -5.94 -8.18 6.59
CA ASP A 242 -4.89 -7.79 5.66
C ASP A 242 -4.96 -6.30 5.28
N LEU A 243 -6.18 -5.83 5.00
CA LEU A 243 -6.45 -4.44 4.67
C LEU A 243 -6.06 -3.56 5.85
N VAL A 244 -6.45 -4.01 7.03
CA VAL A 244 -6.13 -3.29 8.24
C VAL A 244 -4.62 -3.17 8.37
N GLY A 245 -3.92 -4.29 8.26
CA GLY A 245 -2.46 -4.29 8.34
C GLY A 245 -1.79 -3.34 7.34
N MET A 246 -2.24 -3.34 6.07
CA MET A 246 -1.66 -2.44 5.06
C MET A 246 -1.83 -0.96 5.48
N THR A 247 -3.01 -0.64 5.97
CA THR A 247 -3.28 0.70 6.50
C THR A 247 -2.30 1.03 7.64
N GLY A 248 -2.08 0.07 8.54
CA GLY A 248 -1.16 0.26 9.64
C GLY A 248 0.28 0.51 9.17
N VAL A 249 0.68 -0.12 8.04
CA VAL A 249 2.04 0.12 7.54
C VAL A 249 2.19 1.59 7.12
N MET A 250 1.14 2.04 6.47
CA MET A 250 1.05 3.40 6.00
C MET A 250 1.05 4.39 7.15
N LEU A 251 0.31 4.09 8.20
CA LEU A 251 0.30 5.01 9.33
C LEU A 251 1.64 5.01 10.03
N GLY A 252 2.25 3.82 10.13
CA GLY A 252 3.54 3.68 10.78
C GLY A 252 4.67 4.42 10.08
N ALA A 253 4.73 4.29 8.75
CA ALA A 253 5.76 4.93 7.95
C ALA A 253 5.63 6.43 8.04
N ALA A 254 4.39 6.90 8.00
CA ALA A 254 4.12 8.31 8.09
C ALA A 254 4.55 8.86 9.43
N ARG A 255 4.19 8.17 10.48
CA ARG A 255 4.59 8.62 11.81
C ARG A 255 6.12 8.71 11.91
N CYS A 256 6.78 7.75 11.29
CA CYS A 256 8.20 7.68 11.28
C CYS A 256 8.81 8.65 10.28
N GLY A 257 7.94 9.34 9.54
CA GLY A 257 8.33 10.31 8.51
C GLY A 257 9.03 9.70 7.30
N LEU A 258 8.63 8.47 6.95
CA LEU A 258 9.26 7.77 5.83
C LEU A 258 8.29 7.43 4.71
N PRO A 259 8.84 7.22 3.53
CA PRO A 259 8.02 6.92 2.35
C PRO A 259 7.61 5.46 2.26
N VAL A 260 6.40 5.28 1.68
CA VAL A 260 5.79 4.00 1.43
C VAL A 260 5.32 3.91 0.01
N LEU A 261 5.75 2.85 -0.68
CA LEU A 261 5.32 2.61 -2.03
C LEU A 261 4.07 1.75 -1.99
N LEU A 262 3.00 2.21 -2.65
CA LEU A 262 1.78 1.46 -2.79
C LEU A 262 2.02 0.31 -3.80
N ASP A 263 1.05 -0.60 -3.87
CA ASP A 263 1.12 -1.71 -4.81
C ASP A 263 -0.01 -1.52 -5.82
N GLY A 264 -1.00 -2.40 -5.77
CA GLY A 264 -2.16 -2.34 -6.66
C GLY A 264 -3.48 -1.97 -5.96
N PHE A 265 -4.59 -2.49 -6.50
CA PHE A 265 -5.95 -2.24 -6.04
C PHE A 265 -6.19 -2.40 -4.55
N LEU A 266 -5.76 -3.53 -4.00
CA LEU A 266 -5.92 -3.78 -2.57
C LEU A 266 -5.25 -2.66 -1.79
N SER A 267 -4.05 -2.27 -2.23
CA SER A 267 -3.32 -1.22 -1.55
C SER A 267 -3.98 0.13 -1.70
N TYR A 268 -4.62 0.38 -2.85
CA TYR A 268 -5.30 1.65 -3.00
C TYR A 268 -6.43 1.74 -1.99
N SER A 269 -7.14 0.63 -1.78
CA SER A 269 -8.24 0.58 -0.83
C SER A 269 -7.74 0.99 0.56
N ALA A 270 -6.61 0.39 0.96
CA ALA A 270 -5.99 0.66 2.26
C ALA A 270 -5.53 2.09 2.36
N ALA A 271 -5.07 2.64 1.24
CA ALA A 271 -4.63 4.01 1.27
C ALA A 271 -5.81 4.99 1.45
N LEU A 272 -6.95 4.69 0.84
CA LEU A 272 -8.11 5.55 1.02
C LEU A 272 -8.48 5.64 2.51
N ALA A 273 -8.45 4.47 3.13
CA ALA A 273 -8.75 4.37 4.55
C ALA A 273 -7.76 5.15 5.39
N ALA A 274 -6.48 4.96 5.10
CA ALA A 274 -5.46 5.68 5.82
C ALA A 274 -5.59 7.20 5.68
N CYS A 275 -5.88 7.65 4.46
CA CYS A 275 -6.00 9.07 4.26
C CYS A 275 -7.22 9.64 4.92
N GLN A 276 -8.21 8.78 5.07
CA GLN A 276 -9.45 9.16 5.70
C GLN A 276 -9.24 9.30 7.19
N ILE A 277 -8.43 8.41 7.71
CA ILE A 277 -8.11 8.38 9.11
C ILE A 277 -7.16 9.50 9.48
N ALA A 278 -6.18 9.76 8.61
CA ALA A 278 -5.18 10.78 8.84
C ALA A 278 -4.68 11.31 7.54
N PRO A 279 -5.19 12.50 7.17
CA PRO A 279 -4.81 13.13 5.92
C PRO A 279 -3.35 13.42 5.85
N ALA A 280 -2.76 13.58 7.03
CA ALA A 280 -1.34 13.84 7.15
C ALA A 280 -0.51 12.72 6.55
N VAL A 281 -1.17 11.59 6.29
CA VAL A 281 -0.48 10.45 5.71
C VAL A 281 -0.09 10.60 4.23
N ARG A 282 -0.95 11.31 3.54
CA ARG A 282 -0.84 11.46 2.10
C ARG A 282 0.51 11.74 1.47
N PRO A 283 1.18 12.77 1.95
CA PRO A 283 2.44 13.16 1.39
C PRO A 283 3.52 12.09 1.50
N TYR A 284 3.26 11.06 2.31
CA TYR A 284 4.25 9.97 2.46
C TYR A 284 4.08 8.84 1.44
N LEU A 285 2.91 8.81 0.78
CA LEU A 285 2.58 7.77 -0.18
C LEU A 285 3.15 8.02 -1.56
N ILE A 286 3.62 6.95 -2.18
CA ILE A 286 4.17 6.98 -3.51
C ILE A 286 3.53 5.85 -4.30
N PRO A 287 2.86 6.15 -5.41
CA PRO A 287 2.27 5.10 -6.20
C PRO A 287 3.36 4.31 -6.91
N SER A 288 3.06 3.08 -7.30
CA SER A 288 4.02 2.26 -8.04
C SER A 288 3.48 2.05 -9.46
N HIS A 289 2.51 1.15 -9.56
CA HIS A 289 1.96 0.87 -10.86
C HIS A 289 0.45 1.08 -10.93
N PHE A 290 -0.04 0.98 -12.17
CA PHE A 290 -1.45 1.12 -12.47
C PHE A 290 -2.08 -0.29 -12.64
N SER A 291 -2.65 -0.80 -11.54
CA SER A 291 -3.27 -2.12 -11.49
C SER A 291 -4.31 -2.38 -12.60
N ALA A 292 -4.31 -3.60 -13.14
CA ALA A 292 -5.27 -3.99 -14.15
C ALA A 292 -6.68 -4.29 -13.58
N GLU A 293 -6.90 -4.06 -12.29
CA GLU A 293 -8.20 -4.29 -11.69
C GLU A 293 -9.15 -3.18 -12.14
N LYS A 294 -10.40 -3.55 -12.46
CA LYS A 294 -11.43 -2.64 -12.92
C LYS A 294 -11.58 -1.32 -12.14
N GLY A 295 -11.68 -1.40 -10.80
CA GLY A 295 -11.87 -0.19 -10.00
C GLY A 295 -10.61 0.65 -9.75
N ALA A 296 -9.49 0.29 -10.38
CA ALA A 296 -8.24 1.03 -10.17
C ALA A 296 -8.33 2.52 -10.50
N ARG A 297 -8.86 2.88 -11.67
CA ARG A 297 -8.96 4.29 -12.05
C ARG A 297 -9.68 5.19 -11.04
N ILE A 298 -10.80 4.70 -10.52
CA ILE A 298 -11.59 5.46 -9.57
C ILE A 298 -10.84 5.65 -8.28
N ALA A 299 -10.34 4.54 -7.76
CA ALA A 299 -9.57 4.59 -6.52
C ALA A 299 -8.40 5.58 -6.62
N LEU A 300 -7.67 5.52 -7.73
CA LEU A 300 -6.52 6.39 -7.96
C LEU A 300 -6.91 7.86 -8.07
N ALA A 301 -8.06 8.09 -8.72
CA ALA A 301 -8.57 9.43 -8.91
C ALA A 301 -8.88 10.05 -7.57
N HIS A 302 -9.44 9.24 -6.70
CA HIS A 302 -9.73 9.75 -5.38
C HIS A 302 -8.50 10.03 -4.57
N LEU A 303 -7.40 9.31 -4.88
CA LEU A 303 -6.15 9.53 -4.17
C LEU A 303 -5.35 10.62 -4.84
N SER A 304 -5.84 11.06 -6.01
CA SER A 304 -5.14 12.07 -6.80
C SER A 304 -3.75 11.57 -7.09
N MET A 305 -3.66 10.32 -7.48
CA MET A 305 -2.36 9.74 -7.76
C MET A 305 -2.27 9.23 -9.18
N GLU A 306 -1.10 9.38 -9.78
CA GLU A 306 -0.86 8.90 -11.14
C GLU A 306 0.35 7.96 -11.11
N PRO A 307 0.16 6.63 -11.19
CA PRO A 307 1.29 5.73 -11.11
C PRO A 307 2.34 5.92 -12.20
N TYR A 308 3.56 5.46 -11.89
CA TYR A 308 4.66 5.55 -12.82
C TYR A 308 4.69 4.43 -13.86
N LEU A 309 4.31 3.23 -13.43
CA LEU A 309 4.37 2.01 -14.21
C LEU A 309 3.05 1.53 -14.77
N HIS A 310 3.03 1.25 -16.09
CA HIS A 310 1.87 0.70 -16.76
C HIS A 310 2.24 -0.70 -17.22
N MET A 311 1.93 -1.70 -16.37
CA MET A 311 2.36 -3.07 -16.67
C MET A 311 1.24 -4.09 -16.73
N ALA A 312 0.01 -3.62 -16.54
CA ALA A 312 -1.19 -4.47 -16.53
C ALA A 312 -1.10 -5.60 -15.51
N MET A 313 -0.41 -5.30 -14.41
CA MET A 313 -0.23 -6.29 -13.37
C MET A 313 -1.43 -6.38 -12.44
N ARG A 314 -1.61 -7.57 -11.90
CA ARG A 314 -2.71 -7.80 -10.98
C ARG A 314 -2.42 -8.99 -10.07
N LEU A 315 -1.15 -9.20 -9.78
CA LEU A 315 -0.81 -10.29 -8.92
C LEU A 315 -0.97 -9.96 -7.44
N GLY A 316 -0.59 -8.73 -7.06
CA GLY A 316 -0.63 -8.33 -5.67
C GLY A 316 0.70 -8.72 -5.00
N GLU A 317 0.64 -9.04 -3.68
CA GLU A 317 1.81 -9.45 -2.90
C GLU A 317 2.83 -8.34 -2.66
N GLY A 318 2.63 -7.18 -3.24
CA GLY A 318 3.62 -6.15 -3.10
C GLY A 318 4.58 -6.18 -4.30
N SER A 319 4.25 -6.96 -5.34
CA SER A 319 5.09 -7.08 -6.54
C SER A 319 5.32 -5.77 -7.30
N GLY A 320 4.28 -4.92 -7.43
CA GLY A 320 4.42 -3.63 -8.12
C GLY A 320 5.30 -2.69 -7.29
N ALA A 321 5.12 -2.77 -5.96
CA ALA A 321 5.92 -1.96 -5.06
C ALA A 321 7.39 -2.24 -5.25
N ALA A 322 7.76 -3.53 -5.29
CA ALA A 322 9.15 -3.95 -5.46
C ALA A 322 9.70 -3.46 -6.80
N LEU A 323 8.87 -3.59 -7.82
CA LEU A 323 9.25 -3.19 -9.15
C LEU A 323 9.53 -1.68 -9.25
N ALA A 324 8.87 -0.88 -8.43
CA ALA A 324 9.11 0.57 -8.50
C ALA A 324 10.28 1.08 -7.68
N MET A 325 10.80 0.24 -6.80
CA MET A 325 11.91 0.67 -5.95
C MET A 325 13.08 1.29 -6.72
N PRO A 326 13.43 0.69 -7.85
CA PRO A 326 14.54 1.20 -8.61
C PRO A 326 14.30 2.63 -9.08
N ILE A 327 13.04 2.99 -9.25
CA ILE A 327 12.71 4.33 -9.70
C ILE A 327 13.05 5.33 -8.61
N VAL A 328 12.68 4.97 -7.38
CA VAL A 328 12.98 5.82 -6.24
C VAL A 328 14.49 6.02 -6.14
N GLU A 329 15.25 4.93 -6.30
CA GLU A 329 16.70 5.05 -6.24
C GLU A 329 17.22 5.92 -7.35
N ALA A 330 16.56 5.84 -8.51
CA ALA A 330 16.95 6.66 -9.66
C ALA A 330 16.86 8.15 -9.36
N ALA A 331 15.78 8.54 -8.70
CA ALA A 331 15.60 9.95 -8.37
C ALA A 331 16.69 10.42 -7.42
N CYS A 332 17.16 9.53 -6.55
CA CYS A 332 18.19 9.91 -5.61
C CYS A 332 19.51 10.07 -6.31
N ALA A 333 19.78 9.13 -7.21
CA ALA A 333 21.01 9.07 -7.98
C ALA A 333 21.15 10.33 -8.81
N MET A 334 20.03 10.68 -9.42
CA MET A 334 19.98 11.86 -10.24
C MET A 334 20.37 13.07 -9.39
N PHE A 335 19.71 13.17 -8.23
CA PHE A 335 19.89 14.29 -7.32
C PHE A 335 21.31 14.43 -6.86
N HIS A 336 21.90 13.31 -6.55
CA HIS A 336 23.23 13.37 -6.01
C HIS A 336 24.36 13.22 -7.00
N ASN A 337 24.14 12.55 -8.09
CA ASN A 337 25.29 12.32 -8.92
C ASN A 337 25.45 13.13 -10.18
N MET A 338 24.43 13.84 -10.60
CA MET A 338 24.63 14.60 -11.82
C MET A 338 25.47 15.82 -11.60
N GLY A 339 26.14 16.29 -12.65
CA GLY A 339 26.91 17.52 -12.57
C GLY A 339 26.02 18.78 -12.69
N GLU A 340 26.63 19.97 -12.62
CA GLU A 340 25.90 21.23 -12.69
C GLU A 340 26.22 22.09 -13.88
N LEU A 341 25.16 22.73 -14.38
CA LEU A 341 25.21 23.62 -15.51
C LEU A 341 26.33 24.62 -15.38
N ALA A 342 26.34 25.27 -14.23
CA ALA A 342 27.32 26.31 -13.94
C ALA A 342 28.76 25.87 -14.14
N ALA A 343 29.04 24.65 -13.71
CA ALA A 343 30.37 24.06 -13.80
C ALA A 343 30.82 23.87 -15.24
N SER A 344 29.86 23.79 -16.15
CA SER A 344 30.17 23.62 -17.56
C SER A 344 30.05 24.94 -18.28
N ASN A 345 29.71 25.97 -17.52
CA ASN A 345 29.57 27.27 -18.10
C ASN A 345 28.36 27.35 -19.01
N ILE A 346 27.44 26.42 -18.79
CA ILE A 346 26.22 26.40 -19.57
C ILE A 346 25.20 27.36 -19.01
N VAL A 347 24.82 28.32 -19.85
CA VAL A 347 23.82 29.29 -19.48
C VAL A 347 22.60 29.18 -20.36
N LEU A 348 21.44 28.92 -19.72
CA LEU A 348 20.18 28.84 -20.43
C LEU A 348 19.33 30.01 -20.00
N PRO A 349 18.53 30.53 -20.92
CA PRO A 349 17.66 31.66 -20.64
C PRO A 349 16.68 31.29 -19.54
#